data_2YDU
#
_entry.id   2YDU
#
_cell.length_a   49.307
_cell.length_b   55.912
_cell.length_c   99.055
_cell.angle_alpha   90.00
_cell.angle_beta   90.00
_cell.angle_gamma   90.00
#
_symmetry.space_group_name_H-M   'P 21 21 21'
#
loop_
_entity.id
_entity.type
_entity.pdbx_description
1 polymer 'OUTER PROTEIN H PHOSPHATASE'
2 non-polymer 3-[(2S)-1,1-DIOXIDO-4-OXOTETRAHYDROTHIOPHEN-2-YL]BENZALDEHYDE
3 water water
#
_entity_poly.entity_id   1
_entity_poly.type   'polypeptide(L)'
_entity_poly.pdbx_seq_one_letter_code
;MRERPHTSGHHGAGEARATAPSTVSPYGPEARAELSSRLTTLRNTLAPATNDPRYLQACGGEKLNRFRDIQCRRQTAVRA
DLNANYIQVGNTRTIACQYPLQSQLESHFRMLAENRTPVLAVLASSSEIANQRFGMPDYFRQSGTYGSITVESKMTQQVG
LGDGIMADMYTLTIREAGQKTISVPVVHVGNWPDQTAVSSEVTKALASLVDQTAETKRNMYESKGSSAVADDSKLRPVIH
CRAGVGRTAQLIGAMCMNDSRNSQLSVEDMVSQMRVQRNGIMVQKDEQLDVLIKLAEGQGRPLLNS
;
_entity_poly.pdbx_strand_id   A
#
loop_
_chem_comp.id
_chem_comp.type
_chem_comp.name
_chem_comp.formula
79W non-polymer 3-[(2S)-1,1-DIOXIDO-4-OXOTETRAHYDROTHIOPHEN-2-YL]BENZALDEHYDE 'C11 H10 O4 S'
#
# COMPACT_ATOMS: atom_id res chain seq x y z
N SER A 25 25.76 -5.06 -19.31
CA SER A 25 25.12 -5.54 -18.05
C SER A 25 23.62 -5.31 -18.09
N PRO A 26 22.82 -6.35 -17.79
CA PRO A 26 21.35 -6.16 -17.73
C PRO A 26 20.90 -5.26 -16.56
N TYR A 27 21.82 -4.91 -15.68
CA TYR A 27 21.57 -3.93 -14.61
C TYR A 27 22.46 -2.68 -14.68
N GLY A 28 23.17 -2.51 -15.79
CA GLY A 28 24.03 -1.33 -15.98
C GLY A 28 23.24 -0.07 -16.31
N PRO A 29 23.96 1.04 -16.53
CA PRO A 29 23.34 2.37 -16.71
C PRO A 29 22.45 2.46 -17.96
N GLU A 30 22.76 1.69 -19.01
CA GLU A 30 21.97 1.68 -20.26
C GLU A 30 20.60 1.04 -20.00
N ALA A 31 20.62 -0.13 -19.33
CA ALA A 31 19.39 -0.83 -18.95
C ALA A 31 18.52 0.06 -18.05
N ARG A 32 19.14 0.72 -17.10
CA ARG A 32 18.44 1.60 -16.18
C ARG A 32 17.87 2.79 -16.89
N ALA A 33 18.60 3.36 -17.83
CA ALA A 33 18.09 4.50 -18.57
C ALA A 33 16.89 4.10 -19.46
N GLU A 34 16.92 2.91 -20.07
CA GLU A 34 15.80 2.41 -20.88
C GLU A 34 14.55 2.20 -20.01
N LEU A 35 14.76 1.57 -18.85
CA LEU A 35 13.69 1.38 -17.88
C LEU A 35 13.06 2.71 -17.52
N SER A 36 13.89 3.69 -17.15
CA SER A 36 13.39 5.03 -16.79
CA SER A 36 13.39 5.03 -16.79
C SER A 36 12.61 5.69 -17.92
N SER A 37 13.10 5.56 -19.15
CA SER A 37 12.45 6.11 -20.33
C SER A 37 11.05 5.55 -20.49
N ARG A 38 10.92 4.22 -20.40
CA ARG A 38 9.59 3.60 -20.54
C ARG A 38 8.66 4.06 -19.42
N LEU A 39 9.15 4.04 -18.20
CA LEU A 39 8.33 4.38 -17.06
C LEU A 39 7.93 5.86 -17.05
N THR A 40 8.84 6.74 -17.46
CA THR A 40 8.52 8.17 -17.55
C THR A 40 7.44 8.46 -18.58
N THR A 41 7.53 7.83 -19.74
CA THR A 41 6.45 7.97 -20.71
C THR A 41 5.10 7.54 -20.14
N LEU A 42 5.08 6.39 -19.47
CA LEU A 42 3.89 5.91 -18.83
C LEU A 42 3.35 6.91 -17.78
N ARG A 43 4.21 7.41 -16.90
CA ARG A 43 3.82 8.38 -15.87
C ARG A 43 3.16 9.60 -16.53
N ASN A 44 3.81 10.12 -17.56
CA ASN A 44 3.32 11.35 -18.22
C ASN A 44 1.94 11.11 -18.87
N THR A 45 1.77 9.96 -19.51
CA THR A 45 0.51 9.54 -20.15
C THR A 45 -0.62 9.30 -19.19
N LEU A 46 -0.30 8.82 -17.98
CA LEU A 46 -1.30 8.56 -16.94
C LEU A 46 -1.65 9.76 -16.06
N ALA A 47 -1.06 10.92 -16.32
CA ALA A 47 -1.35 12.13 -15.57
C ALA A 47 -2.83 12.43 -15.67
N PRO A 48 -3.45 12.82 -14.55
CA PRO A 48 -4.89 12.95 -14.61
C PRO A 48 -5.35 14.22 -15.33
N ALA A 49 -6.24 14.08 -16.30
CA ALA A 49 -6.93 15.23 -16.86
C ALA A 49 -8.10 15.60 -15.95
N THR A 50 -8.65 16.81 -16.12
CA THR A 50 -9.86 17.18 -15.45
C THR A 50 -10.98 16.27 -15.94
N ASN A 51 -11.78 15.80 -15.00
CA ASN A 51 -12.84 14.79 -15.22
C ASN A 51 -12.39 13.55 -16.03
N ASP A 52 -11.17 13.13 -15.79
CA ASP A 52 -10.57 12.00 -16.50
C ASP A 52 -11.42 10.74 -16.30
N PRO A 53 -11.91 10.12 -17.39
CA PRO A 53 -12.66 8.87 -17.19
C PRO A 53 -11.87 7.71 -16.57
N ARG A 54 -10.53 7.80 -16.56
CA ARG A 54 -9.69 6.76 -15.95
C ARG A 54 -9.63 6.89 -14.43
N TYR A 55 -10.08 8.00 -13.88
CA TYR A 55 -9.89 8.25 -12.44
C TYR A 55 -11.21 8.49 -11.74
N LEU A 56 -11.25 8.02 -10.49
CA LEU A 56 -12.38 8.20 -9.60
C LEU A 56 -12.58 9.70 -9.29
N GLN A 57 -13.83 10.16 -9.42
CA GLN A 57 -14.18 11.57 -9.26
C GLN A 57 -14.93 11.77 -7.97
N ALA A 58 -14.60 12.85 -7.25
CA ALA A 58 -15.29 13.24 -6.04
C ALA A 58 -16.77 13.45 -6.39
N CYS A 59 -17.67 12.88 -5.60
CA CYS A 59 -19.09 12.78 -5.96
C CYS A 59 -19.92 13.98 -5.51
N GLY A 60 -19.41 14.72 -4.56
CA GLY A 60 -19.96 16.01 -4.24
C GLY A 60 -18.82 16.91 -3.82
N GLY A 61 -19.08 17.79 -2.86
CA GLY A 61 -18.11 18.79 -2.40
C GLY A 61 -17.11 18.24 -1.40
N GLU A 62 -17.35 17.02 -0.91
CA GLU A 62 -16.42 16.41 0.03
C GLU A 62 -15.15 16.08 -0.74
N LYS A 63 -14.01 16.36 -0.14
CA LYS A 63 -12.73 16.09 -0.77
C LYS A 63 -12.50 14.56 -0.84
N LEU A 64 -12.11 14.06 -2.01
CA LEU A 64 -11.76 12.64 -2.21
C LEU A 64 -10.24 12.43 -2.13
N ASN A 65 -9.51 13.20 -2.93
CA ASN A 65 -8.08 13.02 -3.05
C ASN A 65 -7.35 13.92 -2.07
N ARG A 66 -6.53 13.31 -1.23
CA ARG A 66 -5.65 14.02 -0.29
C ARG A 66 -4.80 15.05 -1.03
N PHE A 67 -4.28 14.63 -2.18
CA PHE A 67 -3.48 15.44 -3.07
C PHE A 67 -4.14 15.47 -4.42
N ARG A 68 -4.38 16.68 -4.88
CA ARG A 68 -5.20 16.91 -6.05
C ARG A 68 -4.68 16.12 -7.26
N ASP A 69 -3.37 15.95 -7.39
CA ASP A 69 -2.83 15.28 -8.57
C ASP A 69 -2.45 13.83 -8.37
N ILE A 70 -2.80 13.27 -7.21
CA ILE A 70 -2.55 11.87 -6.90
CA ILE A 70 -2.55 11.86 -6.87
C ILE A 70 -3.91 11.19 -6.80
N GLN A 71 -4.34 10.64 -7.93
CA GLN A 71 -5.70 10.19 -8.08
C GLN A 71 -5.81 8.66 -8.05
N CYS A 72 -7.05 8.20 -8.13
CA CYS A 72 -7.40 6.80 -7.84
C CYS A 72 -8.01 6.19 -9.08
N ARG A 73 -7.29 5.24 -9.70
CA ARG A 73 -7.80 4.56 -10.88
C ARG A 73 -9.20 4.06 -10.65
N ARG A 74 -10.13 4.43 -11.53
CA ARG A 74 -11.55 4.14 -11.32
C ARG A 74 -11.85 2.63 -11.39
N GLN A 75 -11.29 1.98 -12.39
CA GLN A 75 -11.63 0.56 -12.61
C GLN A 75 -11.18 -0.39 -11.49
N THR A 76 -10.19 0.00 -10.72
CA THR A 76 -9.65 -0.82 -9.63
C THR A 76 -9.99 -0.19 -8.26
N ALA A 77 -10.85 0.83 -8.24
CA ALA A 77 -11.20 1.48 -6.98
C ALA A 77 -11.92 0.53 -6.01
N VAL A 78 -11.61 0.64 -4.73
CA VAL A 78 -12.22 -0.21 -3.74
C VAL A 78 -13.59 0.31 -3.29
N ARG A 79 -13.69 1.61 -3.01
CA ARG A 79 -14.95 2.23 -2.56
C ARG A 79 -15.06 3.57 -3.27
N ALA A 80 -16.28 3.97 -3.60
CA ALA A 80 -16.55 5.19 -4.36
C ALA A 80 -16.08 6.47 -3.66
N ASP A 81 -15.97 6.42 -2.34
CA ASP A 81 -15.56 7.56 -1.52
C ASP A 81 -14.17 7.47 -0.85
N LEU A 82 -13.34 6.54 -1.33
CA LEU A 82 -11.96 6.46 -0.89
C LEU A 82 -10.98 6.55 -2.07
N ASN A 83 -9.80 7.04 -1.77
CA ASN A 83 -8.66 6.99 -2.67
C ASN A 83 -7.86 5.75 -2.26
N ALA A 84 -8.25 4.64 -2.90
CA ALA A 84 -7.75 3.29 -2.58
C ALA A 84 -7.96 2.38 -3.80
N ASN A 85 -6.97 1.53 -4.08
CA ASN A 85 -6.99 0.68 -5.27
C ASN A 85 -6.63 -0.76 -4.96
N TYR A 86 -7.39 -1.67 -5.56
CA TYR A 86 -6.95 -3.03 -5.77
C TYR A 86 -5.72 -3.07 -6.71
N ILE A 87 -4.65 -3.73 -6.26
CA ILE A 87 -3.39 -3.89 -7.02
C ILE A 87 -3.07 -5.36 -7.11
N GLN A 88 -2.83 -5.83 -8.33
CA GLN A 88 -2.29 -7.14 -8.57
C GLN A 88 -1.03 -6.97 -9.39
N VAL A 89 0.10 -7.28 -8.77
CA VAL A 89 1.41 -7.24 -9.41
C VAL A 89 1.89 -8.70 -9.60
N GLY A 90 1.81 -9.15 -10.85
CA GLY A 90 2.00 -10.56 -11.17
C GLY A 90 0.82 -11.31 -10.58
N ASN A 91 1.09 -12.10 -9.54
CA ASN A 91 0.05 -12.79 -8.78
C ASN A 91 -0.27 -12.19 -7.43
N THR A 92 0.49 -11.15 -7.02
CA THR A 92 0.39 -10.65 -5.66
C THR A 92 -0.72 -9.62 -5.55
N ARG A 93 -1.72 -9.91 -4.74
CA ARG A 93 -2.88 -9.05 -4.55
C ARG A 93 -2.84 -8.21 -3.28
N THR A 94 -2.92 -6.89 -3.43
CA THR A 94 -2.88 -5.97 -2.30
C THR A 94 -3.92 -4.88 -2.50
N ILE A 95 -4.06 -4.01 -1.50
CA ILE A 95 -4.76 -2.74 -1.64
C ILE A 95 -3.73 -1.64 -1.28
N ALA A 96 -3.58 -0.68 -2.18
CA ALA A 96 -2.79 0.55 -1.92
C ALA A 96 -3.77 1.72 -1.80
N CYS A 97 -3.56 2.57 -0.80
CA CYS A 97 -4.41 3.72 -0.63
C CYS A 97 -3.65 4.92 -0.08
N GLN A 98 -4.32 6.07 -0.09
CA GLN A 98 -3.77 7.25 0.58
C GLN A 98 -4.06 7.15 2.09
N TYR A 99 -3.39 7.97 2.89
CA TYR A 99 -3.72 8.06 4.27
C TYR A 99 -5.14 8.60 4.28
N PRO A 100 -6.10 7.92 4.94
CA PRO A 100 -7.47 8.43 4.88
C PRO A 100 -7.64 9.84 5.50
N LEU A 101 -8.48 10.65 4.85
CA LEU A 101 -8.86 11.95 5.41
C LEU A 101 -9.79 11.72 6.59
N GLN A 102 -9.84 12.67 7.52
CA GLN A 102 -10.79 12.57 8.63
C GLN A 102 -12.23 12.16 8.18
N SER A 103 -12.74 12.75 7.11
CA SER A 103 -14.12 12.50 6.68
C SER A 103 -14.30 11.08 6.14
N GLN A 104 -13.18 10.44 5.85
CA GLN A 104 -13.17 9.10 5.22
C GLN A 104 -12.99 7.96 6.20
N LEU A 105 -12.85 8.27 7.49
CA LEU A 105 -12.40 7.23 8.40
C LEU A 105 -13.41 6.08 8.55
N GLU A 106 -14.70 6.38 8.66
CA GLU A 106 -15.72 5.33 8.79
C GLU A 106 -15.72 4.41 7.53
N SER A 107 -15.68 4.97 6.34
CA SER A 107 -15.61 4.18 5.11
C SER A 107 -14.29 3.37 5.05
N HIS A 108 -13.19 3.97 5.49
CA HIS A 108 -11.88 3.30 5.52
C HIS A 108 -11.94 2.07 6.43
N PHE A 109 -12.54 2.21 7.61
CA PHE A 109 -12.69 1.08 8.53
C PHE A 109 -13.63 -0.01 7.97
N ARG A 110 -14.69 0.41 7.27
CA ARG A 110 -15.55 -0.56 6.61
C ARG A 110 -14.77 -1.32 5.55
N MET A 111 -13.92 -0.62 4.78
CA MET A 111 -13.05 -1.29 3.79
C MET A 111 -12.16 -2.30 4.50
N LEU A 112 -11.60 -1.91 5.66
CA LEU A 112 -10.68 -2.82 6.38
C LEU A 112 -11.42 -4.09 6.86
N ALA A 113 -12.60 -3.89 7.45
CA ALA A 113 -13.40 -4.99 7.99
C ALA A 113 -13.92 -5.94 6.90
N GLU A 114 -14.48 -5.36 5.84
CA GLU A 114 -15.02 -6.14 4.70
C GLU A 114 -13.97 -6.97 3.99
N ASN A 115 -12.73 -6.47 3.94
CA ASN A 115 -11.62 -7.17 3.31
C ASN A 115 -11.01 -8.21 4.26
N ARG A 116 -11.49 -8.29 5.49
CA ARG A 116 -10.92 -9.21 6.50
C ARG A 116 -9.43 -9.01 6.50
N THR A 117 -9.05 -7.74 6.56
CA THR A 117 -7.68 -7.35 6.31
C THR A 117 -6.65 -8.07 7.16
N PRO A 118 -5.74 -8.84 6.50
CA PRO A 118 -4.82 -9.66 7.28
C PRO A 118 -3.59 -8.89 7.76
N VAL A 119 -3.33 -7.73 7.14
CA VAL A 119 -2.30 -6.81 7.64
C VAL A 119 -2.56 -5.45 7.03
N LEU A 120 -2.50 -4.44 7.89
CA LEU A 120 -2.51 -3.03 7.51
C LEU A 120 -1.09 -2.52 7.78
N ALA A 121 -0.38 -2.15 6.72
CA ALA A 121 0.98 -1.61 6.83
C ALA A 121 0.90 -0.10 6.57
N VAL A 122 1.24 0.66 7.61
CA VAL A 122 1.22 2.11 7.58
C VAL A 122 2.69 2.60 7.59
N LEU A 123 3.08 3.31 6.54
CA LEU A 123 4.46 3.74 6.37
C LEU A 123 4.63 5.25 6.52
N ALA A 124 3.55 5.95 6.86
CA ALA A 124 3.65 7.37 7.28
C ALA A 124 4.34 7.47 8.62
N SER A 125 5.23 8.44 8.76
CA SER A 125 5.98 8.64 10.00
C SER A 125 5.16 9.23 11.12
N SER A 126 5.60 8.98 12.34
CA SER A 126 5.02 9.57 13.51
C SER A 126 5.00 11.10 13.46
N SER A 127 6.07 11.68 12.90
CA SER A 127 6.14 13.12 12.81
CA SER A 127 6.23 13.13 12.69
C SER A 127 5.09 13.67 11.82
N GLU A 128 4.86 12.96 10.70
CA GLU A 128 3.79 13.34 9.77
C GLU A 128 2.45 13.30 10.47
N ILE A 129 2.16 12.19 11.13
CA ILE A 129 0.84 12.01 11.76
C ILE A 129 0.59 13.08 12.85
N ALA A 130 1.63 13.41 13.60
CA ALA A 130 1.51 14.34 14.72
C ALA A 130 1.27 15.77 14.23
N ASN A 131 1.74 16.09 13.01
CA ASN A 131 1.66 17.44 12.46
C ASN A 131 0.26 17.68 11.95
N GLN A 132 -0.53 18.46 12.72
CA GLN A 132 -1.93 18.64 12.42
C GLN A 132 -2.19 19.40 11.13
N ARG A 133 -1.19 20.11 10.63
CA ARG A 133 -1.29 20.78 9.34
C ARG A 133 -1.52 19.75 8.22
N PHE A 134 -1.03 18.52 8.40
CA PHE A 134 -1.13 17.50 7.37
C PHE A 134 -2.46 16.73 7.35
N GLY A 135 -3.28 16.90 8.38
CA GLY A 135 -4.61 16.30 8.45
C GLY A 135 -4.55 14.77 8.34
N MET A 136 -3.63 14.16 9.09
CA MET A 136 -3.48 12.69 9.08
C MET A 136 -3.97 12.19 10.43
N PRO A 137 -5.24 11.76 10.52
CA PRO A 137 -5.76 11.38 11.83
C PRO A 137 -5.05 10.15 12.42
N ASP A 138 -4.90 10.14 13.74
CA ASP A 138 -4.15 9.11 14.43
C ASP A 138 -5.13 7.96 14.66
N TYR A 139 -5.53 7.27 13.59
CA TYR A 139 -6.67 6.35 13.65
C TYR A 139 -6.39 4.92 14.11
N PHE A 140 -5.11 4.56 14.23
CA PHE A 140 -4.75 3.18 14.55
C PHE A 140 -3.98 3.02 15.86
N ARG A 141 -3.50 4.13 16.43
CA ARG A 141 -2.80 4.08 17.70
C ARG A 141 -3.64 4.49 18.90
N GLN A 142 -4.86 4.92 18.66
CA GLN A 142 -5.80 5.29 19.71
C GLN A 142 -7.17 4.66 19.37
N SER A 143 -7.96 4.35 20.38
CA SER A 143 -9.32 3.90 20.12
C SER A 143 -10.17 5.10 19.72
N GLY A 144 -11.30 4.84 19.08
CA GLY A 144 -12.16 5.90 18.54
C GLY A 144 -13.52 5.44 18.12
N THR A 145 -14.39 6.40 17.81
CA THR A 145 -15.73 6.11 17.30
C THR A 145 -15.91 6.91 16.05
N TYR A 146 -16.32 6.26 14.98
CA TYR A 146 -16.43 6.88 13.66
C TYR A 146 -17.80 6.52 13.06
N GLY A 147 -18.74 7.44 13.22
CA GLY A 147 -20.12 7.13 12.90
C GLY A 147 -20.61 5.95 13.73
N SER A 148 -21.01 4.90 13.03
CA SER A 148 -21.55 3.74 13.73
CA SER A 148 -21.55 3.69 13.63
C SER A 148 -20.48 2.68 14.00
N ILE A 149 -19.24 2.95 13.62
CA ILE A 149 -18.14 2.01 13.87
C ILE A 149 -17.35 2.42 15.12
N THR A 150 -17.07 1.46 16.01
CA THR A 150 -16.13 1.71 17.10
C THR A 150 -14.88 0.88 16.89
N VAL A 151 -13.74 1.48 17.23
CA VAL A 151 -12.44 0.89 16.99
C VAL A 151 -11.66 0.89 18.27
N GLU A 152 -11.17 -0.29 18.63
CA GLU A 152 -10.29 -0.47 19.78
C GLU A 152 -8.87 -0.77 19.31
N SER A 153 -7.90 0.07 19.68
CA SER A 153 -6.50 -0.16 19.36
C SER A 153 -5.74 -0.69 20.55
N LYS A 154 -4.91 -1.70 20.30
CA LYS A 154 -4.06 -2.28 21.31
C LYS A 154 -2.64 -2.45 20.73
N MET A 155 -1.63 -2.04 21.49
CA MET A 155 -0.26 -2.19 21.06
C MET A 155 0.14 -3.64 21.28
N THR A 156 0.88 -4.20 20.33
CA THR A 156 1.48 -5.52 20.50
C THR A 156 3.00 -5.34 20.43
N GLN A 157 3.70 -6.15 19.65
CA GLN A 157 5.14 -6.15 19.70
C GLN A 157 5.79 -5.00 18.88
N GLN A 158 7.08 -4.80 19.08
CA GLN A 158 7.89 -3.88 18.27
C GLN A 158 9.08 -4.62 17.69
N VAL A 159 9.36 -4.38 16.40
CA VAL A 159 10.38 -5.13 15.68
C VAL A 159 11.32 -4.16 14.95
N GLY A 160 12.63 -4.27 15.24
CA GLY A 160 13.63 -3.51 14.54
C GLY A 160 13.91 -4.10 13.18
N LEU A 161 13.98 -3.26 12.14
CA LEU A 161 14.10 -3.74 10.76
C LEU A 161 15.49 -3.50 10.14
N GLY A 162 16.37 -2.85 10.88
CA GLY A 162 17.69 -2.50 10.41
C GLY A 162 17.81 -1.00 10.25
N ASP A 163 19.02 -0.50 10.38
CA ASP A 163 19.32 0.92 10.15
C ASP A 163 18.48 1.79 11.05
N GLY A 164 18.18 1.32 12.25
CA GLY A 164 17.32 2.05 13.20
C GLY A 164 15.83 2.17 12.85
N ILE A 165 15.42 1.64 11.70
CA ILE A 165 14.01 1.65 11.28
C ILE A 165 13.23 0.66 12.18
N MET A 166 12.13 1.14 12.75
CA MET A 166 11.33 0.37 13.71
C MET A 166 9.89 0.12 13.22
N ALA A 167 9.41 -1.11 13.40
CA ALA A 167 8.01 -1.46 13.16
C ALA A 167 7.31 -1.62 14.49
N ASP A 168 6.31 -0.76 14.74
CA ASP A 168 5.41 -0.89 15.86
C ASP A 168 4.13 -1.57 15.44
N MET A 169 3.78 -2.63 16.17
CA MET A 169 2.58 -3.35 15.84
C MET A 169 1.44 -3.13 16.79
N TYR A 170 0.24 -3.23 16.22
CA TYR A 170 -1.01 -3.04 16.91
C TYR A 170 -2.03 -4.02 16.38
N THR A 171 -3.11 -4.18 17.12
CA THR A 171 -4.35 -4.74 16.58
C THR A 171 -5.47 -3.69 16.67
N LEU A 172 -6.27 -3.60 15.62
CA LEU A 172 -7.46 -2.77 15.60
C LEU A 172 -8.71 -3.67 15.58
N THR A 173 -9.55 -3.53 16.61
CA THR A 173 -10.76 -4.34 16.71
C THR A 173 -11.94 -3.45 16.30
N ILE A 174 -12.49 -3.78 15.15
CA ILE A 174 -13.50 -2.96 14.47
C ILE A 174 -14.89 -3.55 14.75
N ARG A 175 -15.70 -2.79 15.49
CA ARG A 175 -17.03 -3.20 15.89
C ARG A 175 -18.07 -2.29 15.28
N GLU A 176 -19.20 -2.89 14.93
CA GLU A 176 -20.35 -2.17 14.40
C GLU A 176 -21.59 -3.07 14.65
N ALA A 177 -22.61 -2.50 15.27
CA ALA A 177 -23.88 -3.21 15.49
C ALA A 177 -24.34 -3.88 14.19
N GLY A 178 -24.54 -5.19 14.24
CA GLY A 178 -25.00 -5.96 13.06
C GLY A 178 -23.94 -6.38 12.06
N GLN A 179 -22.67 -6.06 12.33
CA GLN A 179 -21.59 -6.54 11.50
C GLN A 179 -20.78 -7.52 12.34
N LYS A 180 -20.12 -8.45 11.69
CA LYS A 180 -19.16 -9.29 12.39
C LYS A 180 -18.04 -8.36 12.85
N THR A 181 -17.59 -8.58 14.08
CA THR A 181 -16.40 -7.90 14.62
C THR A 181 -15.16 -8.44 13.93
N ILE A 182 -14.28 -7.56 13.47
CA ILE A 182 -13.05 -7.94 12.76
C ILE A 182 -11.85 -7.27 13.41
N SER A 183 -10.80 -8.06 13.70
CA SER A 183 -9.56 -7.50 14.20
C SER A 183 -8.46 -7.54 13.10
N VAL A 184 -7.75 -6.43 13.00
CA VAL A 184 -6.84 -6.19 11.91
C VAL A 184 -5.44 -6.00 12.54
N PRO A 185 -4.47 -6.84 12.12
CA PRO A 185 -3.11 -6.57 12.52
C PRO A 185 -2.56 -5.33 11.82
N VAL A 186 -1.85 -4.47 12.56
CA VAL A 186 -1.18 -3.28 12.00
C VAL A 186 0.35 -3.36 12.15
N VAL A 187 1.07 -3.07 11.07
CA VAL A 187 2.50 -2.89 11.12
C VAL A 187 2.70 -1.42 10.79
N HIS A 188 3.05 -0.63 11.80
CA HIS A 188 3.39 0.77 11.58
C HIS A 188 4.90 1.03 11.61
N VAL A 189 5.46 1.40 10.45
CA VAL A 189 6.84 1.86 10.38
C VAL A 189 6.72 3.35 10.57
N GLY A 190 7.16 3.81 11.73
CA GLY A 190 6.95 5.19 12.11
C GLY A 190 8.12 6.13 11.85
N ASN A 191 9.22 5.62 11.28
CA ASN A 191 10.39 6.44 11.00
C ASN A 191 11.01 6.16 9.63
N TRP A 192 10.14 5.97 8.64
CA TRP A 192 10.51 6.00 7.23
C TRP A 192 10.12 7.38 6.68
N PRO A 193 11.10 8.30 6.58
CA PRO A 193 10.84 9.67 6.09
C PRO A 193 10.22 9.78 4.68
N ASP A 194 9.31 10.74 4.51
CA ASP A 194 8.71 11.01 3.23
C ASP A 194 9.81 11.25 2.18
N GLN A 195 9.56 10.78 0.95
CA GLN A 195 10.42 11.04 -0.22
C GLN A 195 11.81 10.42 -0.14
N THR A 196 11.92 9.34 0.66
CA THR A 196 13.14 8.56 0.76
C THR A 196 12.86 7.07 0.52
N ALA A 197 13.94 6.33 0.30
CA ALA A 197 13.90 4.87 0.21
C ALA A 197 14.71 4.32 1.35
N VAL A 198 14.09 3.55 2.21
CA VAL A 198 14.89 2.76 3.13
C VAL A 198 15.68 1.73 2.26
N SER A 199 16.77 1.19 2.82
CA SER A 199 17.63 0.32 2.05
C SER A 199 16.92 -0.95 1.57
N SER A 200 17.54 -1.61 0.58
CA SER A 200 17.06 -2.91 0.10
C SER A 200 16.99 -3.92 1.23
N GLU A 201 17.92 -3.85 2.17
CA GLU A 201 17.93 -4.79 3.30
C GLU A 201 16.72 -4.53 4.22
N VAL A 202 16.47 -3.27 4.55
CA VAL A 202 15.35 -2.89 5.40
C VAL A 202 14.03 -3.23 4.70
N THR A 203 13.96 -2.94 3.40
CA THR A 203 12.79 -3.22 2.59
C THR A 203 12.47 -4.70 2.61
N LYS A 204 13.49 -5.55 2.43
CA LYS A 204 13.27 -6.99 2.41
C LYS A 204 12.81 -7.48 3.79
N ALA A 205 13.42 -6.95 4.87
CA ALA A 205 12.98 -7.26 6.24
C ALA A 205 11.51 -6.83 6.47
N LEU A 206 11.13 -5.66 5.96
CA LEU A 206 9.79 -5.15 6.14
C LEU A 206 8.77 -5.98 5.36
N ALA A 207 9.08 -6.29 4.09
CA ALA A 207 8.27 -7.18 3.26
C ALA A 207 8.02 -8.52 3.94
N SER A 208 9.07 -9.11 4.50
CA SER A 208 8.92 -10.38 5.21
C SER A 208 7.99 -10.28 6.41
N LEU A 209 8.19 -9.24 7.24
CA LEU A 209 7.32 -8.99 8.39
C LEU A 209 5.84 -8.81 8.00
N VAL A 210 5.60 -8.01 6.99
CA VAL A 210 4.24 -7.74 6.51
C VAL A 210 3.57 -9.01 5.96
N ASP A 211 4.28 -9.74 5.10
CA ASP A 211 3.80 -11.01 4.57
C ASP A 211 3.57 -12.04 5.68
N GLN A 212 4.50 -12.15 6.60
CA GLN A 212 4.36 -13.11 7.71
C GLN A 212 3.15 -12.74 8.59
N THR A 213 2.96 -11.43 8.81
CA THR A 213 1.84 -10.98 9.64
C THR A 213 0.54 -11.34 8.95
N ALA A 214 0.43 -11.03 7.66
CA ALA A 214 -0.72 -11.41 6.84
C ALA A 214 -1.01 -12.92 6.87
N GLU A 215 0.06 -13.70 6.71
CA GLU A 215 -0.06 -15.17 6.63
C GLU A 215 -0.65 -15.79 7.91
N THR A 216 -0.17 -15.30 9.04
CA THR A 216 -0.65 -15.74 10.38
C THR A 216 -2.13 -15.41 10.52
N LYS A 217 -2.55 -14.21 10.10
CA LYS A 217 -3.93 -13.84 10.20
C LYS A 217 -4.81 -14.65 9.23
N ARG A 218 -4.35 -14.78 7.99
CA ARG A 218 -5.03 -15.56 7.00
C ARG A 218 -5.20 -17.00 7.49
N ASN A 219 -4.14 -17.52 8.10
CA ASN A 219 -4.20 -18.89 8.63
C ASN A 219 -5.28 -19.06 9.67
N MET A 220 -5.41 -18.07 10.55
CA MET A 220 -6.44 -18.11 11.56
C MET A 220 -7.83 -18.19 10.92
N TYR A 221 -8.10 -17.32 9.95
CA TYR A 221 -9.39 -17.39 9.22
C TYR A 221 -9.60 -18.78 8.56
N GLU A 222 -8.55 -19.28 7.93
CA GLU A 222 -8.60 -20.59 7.27
C GLU A 222 -8.90 -21.70 8.27
N SER A 223 -8.32 -21.58 9.45
CA SER A 223 -8.54 -22.56 10.52
C SER A 223 -9.99 -22.59 11.04
N LYS A 224 -10.70 -21.49 10.89
CA LYS A 224 -12.11 -21.38 11.26
C LYS A 224 -13.05 -21.60 10.08
N GLY A 225 -12.55 -22.12 8.96
CA GLY A 225 -13.39 -22.42 7.77
C GLY A 225 -13.86 -21.22 6.96
N SER A 226 -13.26 -20.04 7.21
CA SER A 226 -13.75 -18.74 6.69
C SER A 226 -13.86 -18.66 5.15
N SER A 227 -14.99 -18.11 4.70
CA SER A 227 -15.31 -17.98 3.25
C SER A 227 -14.46 -16.92 2.52
N ALA A 228 -14.04 -15.87 3.26
CA ALA A 228 -13.15 -14.85 2.71
C ALA A 228 -11.98 -15.47 1.97
N VAL A 229 -11.55 -16.66 2.41
CA VAL A 229 -10.40 -17.36 1.81
C VAL A 229 -10.57 -17.73 0.30
N ALA A 230 -11.81 -17.92 -0.15
CA ALA A 230 -12.16 -18.18 -1.58
C ALA A 230 -12.35 -16.89 -2.44
N ASP A 231 -12.43 -15.71 -1.81
CA ASP A 231 -12.73 -14.46 -2.51
C ASP A 231 -11.46 -13.60 -2.67
N ASP A 232 -11.13 -13.24 -3.92
CA ASP A 232 -9.87 -12.54 -4.25
C ASP A 232 -9.93 -11.03 -4.06
N SER A 233 -11.11 -10.45 -3.93
CA SER A 233 -11.24 -9.05 -3.47
C SER A 233 -10.86 -8.96 -1.99
N LYS A 234 -10.76 -10.12 -1.33
CA LYS A 234 -10.58 -10.14 0.12
C LYS A 234 -9.29 -10.76 0.58
N LEU A 235 -9.04 -10.58 1.87
CA LEU A 235 -7.81 -10.97 2.51
C LEU A 235 -6.57 -10.36 1.86
N ARG A 236 -6.70 -9.13 1.36
CA ARG A 236 -5.59 -8.36 0.82
C ARG A 236 -4.87 -7.53 1.88
N PRO A 237 -3.55 -7.62 1.93
CA PRO A 237 -2.80 -6.61 2.69
C PRO A 237 -3.20 -5.22 2.19
N VAL A 238 -3.36 -4.30 3.14
CA VAL A 238 -3.65 -2.89 2.82
C VAL A 238 -2.40 -2.11 3.23
N ILE A 239 -1.86 -1.37 2.27
CA ILE A 239 -0.64 -0.61 2.47
C ILE A 239 -0.91 0.90 2.19
N HIS A 240 -0.56 1.75 3.15
CA HIS A 240 -0.53 3.18 2.82
C HIS A 240 0.57 3.95 3.57
N CYS A 241 0.97 5.05 2.96
CA CYS A 241 1.89 5.97 3.58
C CYS A 241 1.12 7.27 3.70
N ARG A 242 1.58 8.36 3.07
CA ARG A 242 0.83 9.61 3.09
C ARG A 242 -0.04 9.71 1.82
N ALA A 243 0.58 9.70 0.66
CA ALA A 243 -0.11 9.71 -0.63
C ALA A 243 -0.39 8.31 -1.17
N GLY A 244 0.25 7.26 -0.64
CA GLY A 244 0.13 5.91 -1.22
C GLY A 244 0.75 5.65 -2.59
N VAL A 245 1.84 6.35 -2.91
CA VAL A 245 2.57 6.17 -4.17
C VAL A 245 4.09 5.98 -4.09
N GLY A 246 4.68 6.41 -3.00
CA GLY A 246 6.11 6.35 -2.85
C GLY A 246 6.54 5.17 -2.01
N ARG A 247 6.53 5.36 -0.71
CA ARG A 247 6.94 4.33 0.23
C ARG A 247 6.06 3.08 0.06
N THR A 248 4.78 3.33 -0.11
CA THR A 248 3.80 2.26 -0.41
C THR A 248 4.22 1.40 -1.60
N ALA A 249 4.55 2.04 -2.72
CA ALA A 249 4.90 1.31 -3.94
C ALA A 249 6.22 0.56 -3.79
N GLN A 250 7.16 1.15 -3.06
CA GLN A 250 8.43 0.46 -2.81
C GLN A 250 8.13 -0.86 -2.03
N LEU A 251 7.28 -0.80 -1.03
CA LEU A 251 6.96 -2.00 -0.22
C LEU A 251 6.21 -3.03 -1.07
N ILE A 252 5.20 -2.58 -1.79
CA ILE A 252 4.43 -3.53 -2.61
C ILE A 252 5.33 -4.22 -3.65
N GLY A 253 6.27 -3.48 -4.29
CA GLY A 253 7.20 -4.11 -5.22
C GLY A 253 8.05 -5.16 -4.55
N ALA A 254 8.51 -4.83 -3.33
CA ALA A 254 9.31 -5.78 -2.56
C ALA A 254 8.50 -7.06 -2.20
N MET A 255 7.26 -6.86 -1.79
CA MET A 255 6.35 -7.98 -1.49
C MET A 255 6.14 -8.86 -2.72
N CYS A 256 5.98 -8.25 -3.88
CA CYS A 256 5.79 -8.99 -5.12
C CYS A 256 7.02 -9.86 -5.40
N MET A 257 8.21 -9.34 -5.09
CA MET A 257 9.44 -10.12 -5.27
C MET A 257 9.63 -11.24 -4.26
N ASN A 258 8.95 -11.17 -3.12
CA ASN A 258 8.98 -12.21 -2.08
C ASN A 258 8.01 -13.37 -2.39
N ASP A 259 7.24 -13.23 -3.47
CA ASP A 259 6.18 -14.18 -3.85
C ASP A 259 6.74 -15.09 -4.95
N SER A 260 6.90 -16.38 -4.65
CA SER A 260 7.52 -17.32 -5.60
C SER A 260 6.71 -17.51 -6.89
N ARG A 261 5.43 -17.15 -6.89
CA ARG A 261 4.60 -17.25 -8.10
C ARG A 261 5.00 -16.23 -9.19
N ASN A 262 5.82 -15.24 -8.82
CA ASN A 262 6.17 -14.17 -9.76
C ASN A 262 7.52 -14.32 -10.46
N SER A 263 8.01 -15.55 -10.62
CA SER A 263 9.24 -15.76 -11.41
CA SER A 263 9.23 -15.75 -11.39
C SER A 263 9.08 -15.10 -12.76
N GLN A 264 10.13 -14.37 -13.16
CA GLN A 264 10.30 -13.69 -14.44
C GLN A 264 9.50 -12.41 -14.64
N LEU A 265 8.65 -12.06 -13.68
CA LEU A 265 7.99 -10.77 -13.72
C LEU A 265 9.05 -9.68 -13.66
N SER A 266 9.13 -8.86 -14.71
CA SER A 266 10.15 -7.80 -14.78
C SER A 266 9.82 -6.61 -13.88
N VAL A 267 10.84 -5.82 -13.59
CA VAL A 267 10.64 -4.55 -12.87
C VAL A 267 9.77 -3.60 -13.71
N GLU A 268 9.99 -3.59 -15.01
CA GLU A 268 9.12 -2.85 -15.94
C GLU A 268 7.63 -3.24 -15.76
N ASP A 269 7.32 -4.54 -15.81
CA ASP A 269 5.95 -5.02 -15.52
C ASP A 269 5.40 -4.58 -14.16
N MET A 270 6.22 -4.77 -13.13
CA MET A 270 5.79 -4.56 -11.75
C MET A 270 5.38 -3.10 -11.60
N VAL A 271 6.23 -2.19 -12.06
CA VAL A 271 5.95 -0.75 -11.92
C VAL A 271 4.82 -0.34 -12.86
N SER A 272 4.81 -0.85 -14.08
CA SER A 272 3.71 -0.51 -15.01
C SER A 272 2.38 -0.97 -14.46
N GLN A 273 2.34 -2.15 -13.86
CA GLN A 273 1.08 -2.65 -13.30
C GLN A 273 0.57 -1.78 -12.13
N MET A 274 1.48 -1.37 -11.26
CA MET A 274 1.09 -0.50 -10.14
C MET A 274 0.56 0.82 -10.70
N ARG A 275 1.20 1.29 -11.76
CA ARG A 275 0.81 2.60 -12.33
C ARG A 275 -0.55 2.60 -13.04
N VAL A 276 -0.81 1.58 -13.86
CA VAL A 276 -2.09 1.47 -14.56
CA VAL A 276 -2.09 1.52 -14.55
C VAL A 276 -3.23 1.11 -13.60
N GLN A 277 -2.91 0.48 -12.45
CA GLN A 277 -3.94 0.09 -11.45
C GLN A 277 -4.15 1.08 -10.30
N ARG A 278 -3.34 2.15 -10.22
CA ARG A 278 -3.55 3.18 -9.18
C ARG A 278 -3.35 4.57 -9.79
N ASN A 279 -2.12 4.91 -10.08
CA ASN A 279 -1.86 6.15 -10.85
C ASN A 279 -0.40 6.19 -11.27
N GLY A 280 -0.01 7.13 -12.12
CA GLY A 280 1.31 7.11 -12.74
C GLY A 280 2.48 7.53 -11.86
N ILE A 281 2.17 7.90 -10.62
CA ILE A 281 3.20 8.31 -9.66
C ILE A 281 3.77 7.10 -8.91
N MET A 282 3.12 5.92 -9.01
CA MET A 282 3.56 4.78 -8.19
C MET A 282 5.03 4.49 -8.44
N VAL A 283 5.78 4.45 -7.34
CA VAL A 283 7.25 4.49 -7.31
C VAL A 283 7.67 5.92 -7.71
N GLN A 284 7.57 6.79 -6.71
CA GLN A 284 7.63 8.23 -6.95
C GLN A 284 9.05 8.74 -7.20
N LYS A 285 10.01 8.24 -6.41
CA LYS A 285 11.38 8.76 -6.41
C LYS A 285 12.34 7.77 -7.07
N ASP A 286 13.37 8.30 -7.70
CA ASP A 286 14.40 7.47 -8.30
C ASP A 286 15.02 6.51 -7.28
N GLU A 287 15.24 6.95 -6.05
CA GLU A 287 15.85 6.06 -5.03
C GLU A 287 14.95 4.90 -4.63
N GLN A 288 13.64 5.09 -4.79
CA GLN A 288 12.65 4.03 -4.53
C GLN A 288 12.70 3.01 -5.69
N LEU A 289 12.76 3.49 -6.91
CA LEU A 289 13.00 2.59 -8.07
C LEU A 289 14.32 1.83 -7.91
N ASP A 290 15.38 2.53 -7.47
CA ASP A 290 16.70 1.93 -7.31
C ASP A 290 16.71 0.75 -6.34
N VAL A 291 15.92 0.84 -5.27
CA VAL A 291 15.77 -0.29 -4.31
C VAL A 291 15.13 -1.48 -5.03
N LEU A 292 14.07 -1.22 -5.82
CA LEU A 292 13.45 -2.31 -6.62
C LEU A 292 14.44 -2.97 -7.59
N ILE A 293 15.25 -2.14 -8.24
CA ILE A 293 16.28 -2.59 -9.20
C ILE A 293 17.30 -3.46 -8.48
N LYS A 294 17.75 -2.99 -7.33
CA LYS A 294 18.73 -3.75 -6.53
C LYS A 294 18.16 -5.08 -6.04
N LEU A 295 16.89 -5.09 -5.61
CA LEU A 295 16.24 -6.34 -5.19
C LEU A 295 16.11 -7.31 -6.37
N ALA A 296 15.77 -6.79 -7.56
CA ALA A 296 15.65 -7.60 -8.78
C ALA A 296 17.00 -8.23 -9.15
N GLU A 297 18.03 -7.41 -9.11
CA GLU A 297 19.39 -7.84 -9.41
C GLU A 297 19.81 -9.00 -8.50
N GLY A 298 19.47 -8.91 -7.22
CA GLY A 298 19.80 -9.94 -6.26
C GLY A 298 19.13 -11.27 -6.57
N GLN A 299 17.99 -11.21 -7.27
CA GLN A 299 17.23 -12.39 -7.66
C GLN A 299 17.50 -12.88 -9.07
N GLY A 300 18.27 -12.13 -9.85
CA GLY A 300 18.41 -12.39 -11.30
C GLY A 300 17.13 -12.11 -12.09
N ARG A 301 16.29 -11.23 -11.54
CA ARG A 301 15.05 -10.82 -12.15
C ARG A 301 15.29 -9.75 -13.21
N PRO A 302 14.64 -9.85 -14.37
CA PRO A 302 14.87 -8.86 -15.41
C PRO A 302 14.34 -7.48 -15.06
N LEU A 303 15.07 -6.45 -15.46
CA LEU A 303 14.56 -5.08 -15.39
C LEU A 303 13.56 -4.77 -16.51
N LEU A 304 13.86 -5.23 -17.72
CA LEU A 304 13.12 -4.83 -18.92
C LEU A 304 12.41 -6.00 -19.59
N ASN A 305 11.31 -5.69 -20.24
CA ASN A 305 10.65 -6.65 -21.11
C ASN A 305 11.34 -6.68 -22.45
N SER A 306 11.53 -7.89 -22.97
CA SER A 306 12.22 -8.06 -24.26
C SER A 306 11.27 -7.79 -25.40
OAH 79W B . 2.06 15.46 -3.89
CAG 79W B . 2.32 14.26 -3.75
CAE 79W B . 2.92 13.74 -2.43
CAD 79W B . 3.66 12.53 -2.33
CAF 79W B . 2.73 14.54 -1.32
CAA 79W B . 3.24 14.18 -0.09
CAB 79W B . 3.94 12.98 0.02
CAC 79W B . 4.14 12.14 -1.09
CAI 79W B . 5.01 10.87 -0.71
CAJ 79W B . 6.22 10.44 -1.54
CAK 79W B . 6.81 9.26 -0.65
OAP 79W B . 7.99 8.95 -0.63
CAL 79W B . 5.75 8.39 0.09
SAM 79W B . 4.23 9.24 -0.35
OAO 79W B . 3.42 9.61 0.87
OAN 79W B . 3.49 8.46 -1.42
#